data_2QYU
#
_entry.id   2QYU
#
_cell.length_a   79.720
_cell.length_b   79.720
_cell.length_c   212.731
_cell.angle_alpha   90.00
_cell.angle_beta   90.00
_cell.angle_gamma   90.00
#
_symmetry.space_group_name_H-M   'P 41 2 2'
#
loop_
_entity.id
_entity.type
_entity.pdbx_description
1 polymer 'Secreted effector protein'
2 non-polymer 'PHOSPHATE ION'
3 non-polymer 2-[3-(2-HYDROXY-1,1-DIHYDROXYMETHYL-ETHYLAMINO)-PROPYLAMINO]-2-HYDROXYMETHYL-PROPANE-1,3-DIOL
4 water water
#
_entity_poly.entity_id   1
_entity_poly.type   'polypeptide(L)'
_entity_poly.pdbx_seq_one_letter_code
;MHHHHHHATSSPSSPADWAKKLTDAVLRQKAGETLTAADRDFSNADFRNITFSKILPPSFMERDGDIIKGFNFSNSKFTY
SDISHLHFDECRFTYSTLSDVVCSNTKFSNSDMNEVFLQYSITTQQQPSFIDTTLKNTLIRHKANLSGVILNEPDNSSPP
SVSGGGNFIRLGDIWLQMPLLWTENAVDGFLNHEHNNGKSILMTIDSLPDKYSQEKVQAMEDLVKSLRGGRLTEACIRPV
ESSLVSVLAHPPYTQSALISEWLGPVQERFFAHQCQTYNDVPLPAPDTYYQQRILPVLLDSFDRNSAAMTTHSGLFNQVI
LHCMTGVDCTDGTRQKAAALYEQYLAHPAVSPHIHNGLFGNYDGSPDWTTRAADNFLLLSSQDSDTAMMLSTDTLLTMLN
PTPDTAWDNFYLLRAGENVSTAQISPVELFRHDFPVFLAAFNQQATQRRFGELIDIILSTEEHGELNQQFLAATNQKHST
VKLIDDASVSRLATIFDPLLPEGKLSPAHYQHILSAYHLTDATPQKQAETLFCLSTAFARYSSSAIFGTEHDSPPALRGY
AEALMQKAWELSPAIFPSSEQFTEWSDRFHGLHGAFTCTSVVADSMQRHARKYFPSVLSSILPLAWA
;
_entity_poly.pdbx_strand_id   A
#
# COMPACT_ATOMS: atom_id res chain seq x y z
N ALA A 8 12.16 -25.10 -42.61
CA ALA A 8 11.18 -24.40 -43.49
C ALA A 8 10.49 -23.24 -42.76
N THR A 9 10.71 -23.15 -41.44
CA THR A 9 10.10 -22.13 -40.59
C THR A 9 8.59 -22.24 -40.70
N SER A 10 8.05 -23.14 -39.88
CA SER A 10 7.06 -24.06 -40.41
C SER A 10 6.19 -24.78 -39.39
N SER A 11 6.85 -25.68 -38.66
CA SER A 11 6.24 -26.98 -38.33
C SER A 11 4.88 -26.94 -37.69
N PRO A 12 3.96 -27.82 -38.19
CA PRO A 12 2.53 -27.90 -37.84
C PRO A 12 2.12 -28.98 -36.83
N SER A 13 3.06 -29.47 -36.02
CA SER A 13 2.74 -30.53 -35.07
C SER A 13 2.35 -29.95 -33.71
N SER A 14 2.92 -30.49 -32.63
CA SER A 14 2.55 -30.06 -31.28
C SER A 14 3.04 -28.65 -30.94
N PRO A 15 2.60 -28.12 -29.78
CA PRO A 15 3.18 -26.88 -29.28
C PRO A 15 4.71 -26.93 -29.13
N ALA A 16 5.24 -28.06 -28.66
CA ALA A 16 6.69 -28.26 -28.55
C ALA A 16 7.37 -28.03 -29.90
N ASP A 17 6.80 -28.58 -30.96
CA ASP A 17 7.36 -28.48 -32.31
C ASP A 17 7.33 -27.07 -32.85
N TRP A 18 6.22 -26.36 -32.62
CA TRP A 18 6.12 -24.95 -32.98
C TRP A 18 7.14 -24.10 -32.24
N ALA A 19 7.22 -24.31 -30.92
CA ALA A 19 8.10 -23.53 -30.08
C ALA A 19 9.56 -23.74 -30.47
N LYS A 20 9.90 -24.96 -30.89
CA LYS A 20 11.27 -25.29 -31.32
C LYS A 20 11.67 -24.61 -32.65
N LYS A 21 10.74 -24.53 -33.59
CA LYS A 21 10.97 -23.86 -34.86
C LYS A 21 11.20 -22.36 -34.62
N LEU A 22 10.37 -21.78 -33.76
CA LEU A 22 10.51 -20.37 -33.38
C LEU A 22 11.86 -20.09 -32.72
N THR A 23 12.28 -20.96 -31.79
CA THR A 23 13.58 -20.76 -31.12
C THR A 23 14.74 -20.84 -32.11
N ASP A 24 14.66 -21.78 -33.05
CA ASP A 24 15.67 -21.89 -34.10
C ASP A 24 15.78 -20.62 -34.93
N ALA A 25 14.62 -20.09 -35.36
CA ALA A 25 14.55 -18.89 -36.18
C ALA A 25 15.06 -17.66 -35.41
N VAL A 26 14.69 -17.56 -34.14
CA VAL A 26 15.09 -16.44 -33.32
C VAL A 26 16.60 -16.52 -32.99
N LEU A 27 17.12 -17.73 -32.87
CA LEU A 27 18.57 -17.90 -32.63
C LEU A 27 19.41 -17.54 -33.85
N ARG A 28 18.92 -17.85 -35.05
CA ARG A 28 19.58 -17.45 -36.29
C ARG A 28 19.59 -15.92 -36.44
N GLN A 29 18.46 -15.31 -36.06
CA GLN A 29 18.31 -13.86 -36.00
C GLN A 29 19.35 -13.24 -35.06
N LYS A 30 19.49 -13.83 -33.88
CA LYS A 30 20.50 -13.40 -32.91
C LYS A 30 21.92 -13.58 -33.45
N ALA A 31 22.11 -14.63 -34.24
CA ALA A 31 23.42 -14.92 -34.85
C ALA A 31 23.82 -13.89 -35.92
N GLY A 32 22.88 -13.03 -36.32
CA GLY A 32 23.15 -11.99 -37.31
C GLY A 32 22.51 -12.25 -38.66
N GLU A 33 21.90 -13.42 -38.82
CA GLU A 33 21.26 -13.80 -40.07
C GLU A 33 20.00 -12.97 -40.30
N THR A 34 19.79 -12.55 -41.55
CA THR A 34 18.56 -11.88 -41.94
C THR A 34 17.60 -12.93 -42.51
N LEU A 35 16.47 -13.12 -41.83
CA LEU A 35 15.49 -14.12 -42.25
C LEU A 35 14.49 -13.53 -43.24
N THR A 36 14.13 -14.33 -44.24
CA THR A 36 13.08 -13.97 -45.18
C THR A 36 11.74 -13.89 -44.45
N ALA A 37 10.77 -13.21 -45.07
CA ALA A 37 9.41 -13.17 -44.52
C ALA A 37 8.80 -14.58 -44.40
N ALA A 38 9.17 -15.47 -45.33
CA ALA A 38 8.78 -16.88 -45.28
C ALA A 38 9.32 -17.59 -44.04
N ASP A 39 10.54 -17.24 -43.63
CA ASP A 39 11.16 -17.79 -42.43
C ASP A 39 10.52 -17.29 -41.12
N ARG A 40 9.79 -16.19 -41.21
CA ARG A 40 9.22 -15.56 -40.02
C ARG A 40 7.70 -15.69 -40.01
N ASP A 41 7.18 -16.57 -40.85
CA ASP A 41 5.73 -16.80 -40.94
C ASP A 41 5.29 -17.93 -40.02
N PHE A 42 4.76 -17.54 -38.87
CA PHE A 42 4.25 -18.49 -37.88
C PHE A 42 2.74 -18.35 -37.72
N SER A 43 2.07 -18.06 -38.83
CA SER A 43 0.62 -18.04 -38.87
C SER A 43 0.09 -19.37 -38.36
N ASN A 44 -0.98 -19.31 -37.56
CA ASN A 44 -1.66 -20.51 -37.03
C ASN A 44 -0.84 -21.30 -36.01
N ALA A 45 0.27 -20.72 -35.58
CA ALA A 45 1.15 -21.38 -34.61
C ALA A 45 0.38 -21.87 -33.39
N ASP A 46 0.74 -23.04 -32.88
CA ASP A 46 0.18 -23.54 -31.63
C ASP A 46 1.24 -23.46 -30.55
N PHE A 47 1.14 -22.46 -29.67
CA PHE A 47 2.10 -22.27 -28.58
C PHE A 47 1.44 -22.51 -27.22
N ARG A 48 0.36 -23.28 -27.20
CA ARG A 48 -0.38 -23.51 -25.96
C ARG A 48 0.47 -24.21 -24.89
N ASN A 49 0.44 -23.67 -23.67
CA ASN A 49 1.17 -24.19 -22.50
C ASN A 49 2.70 -24.12 -22.54
N ILE A 50 3.26 -23.37 -23.48
CA ILE A 50 4.71 -23.26 -23.58
C ILE A 50 5.25 -22.24 -22.55
N THR A 51 6.24 -22.65 -21.76
CA THR A 51 7.01 -21.71 -20.95
C THR A 51 8.27 -21.31 -21.73
N PHE A 52 8.21 -20.11 -22.31
CA PHE A 52 9.26 -19.65 -23.22
C PHE A 52 10.61 -19.46 -22.54
N SER A 53 10.60 -19.13 -21.25
CA SER A 53 11.85 -18.99 -20.48
C SER A 53 12.64 -20.29 -20.38
N LYS A 54 11.98 -21.42 -20.64
CA LYS A 54 12.63 -22.72 -20.58
C LYS A 54 13.24 -23.15 -21.92
N ILE A 55 12.88 -22.43 -22.97
CA ILE A 55 13.27 -22.84 -24.33
C ILE A 55 14.11 -21.79 -25.04
N LEU A 56 14.13 -20.58 -24.50
CA LEU A 56 14.96 -19.51 -25.04
C LEU A 56 16.15 -19.24 -24.14
N PRO A 57 17.29 -18.83 -24.75
CA PRO A 57 18.46 -18.39 -24.00
C PRO A 57 18.08 -17.30 -23.00
N PRO A 58 18.76 -17.25 -21.84
CA PRO A 58 18.44 -16.28 -20.79
C PRO A 58 18.37 -14.83 -21.30
N SER A 59 19.21 -14.50 -22.29
CA SER A 59 19.31 -13.14 -22.83
C SER A 59 17.98 -12.63 -23.36
N PHE A 60 17.09 -13.55 -23.74
CA PHE A 60 15.77 -13.20 -24.25
C PHE A 60 14.77 -12.74 -23.19
N MET A 61 15.10 -12.94 -21.92
CA MET A 61 14.21 -12.54 -20.82
C MET A 61 14.82 -11.45 -19.91
N GLU A 62 16.03 -10.99 -20.24
CA GLU A 62 16.72 -9.99 -19.42
C GLU A 62 16.25 -8.59 -19.77
N ARG A 63 16.40 -7.64 -18.84
CA ARG A 63 16.21 -6.22 -19.13
C ARG A 63 17.13 -5.84 -20.29
N ASP A 64 16.59 -5.15 -21.30
CA ASP A 64 17.39 -4.78 -22.49
C ASP A 64 18.13 -5.96 -23.16
N GLY A 65 17.56 -7.15 -23.11
CA GLY A 65 18.16 -8.31 -23.74
C GLY A 65 17.74 -8.46 -25.20
N ASP A 66 17.76 -9.70 -25.69
CA ASP A 66 17.33 -10.00 -27.04
C ASP A 66 15.82 -9.87 -27.28
N ILE A 67 15.45 -9.58 -28.52
CA ILE A 67 14.05 -9.36 -28.88
C ILE A 67 13.62 -10.22 -30.06
N ILE A 68 12.34 -10.58 -30.07
CA ILE A 68 11.74 -11.38 -31.13
C ILE A 68 11.15 -10.40 -32.16
N LYS A 69 11.84 -10.26 -33.29
CA LYS A 69 11.55 -9.18 -34.23
C LYS A 69 11.06 -9.67 -35.61
N GLY A 70 9.91 -9.13 -36.02
CA GLY A 70 9.40 -9.27 -37.39
C GLY A 70 8.66 -10.55 -37.72
N PHE A 71 8.09 -11.21 -36.71
CA PHE A 71 7.37 -12.47 -36.94
C PHE A 71 5.88 -12.29 -37.18
N ASN A 72 5.31 -13.16 -38.01
CA ASN A 72 3.88 -13.20 -38.22
C ASN A 72 3.29 -14.30 -37.34
N PHE A 73 2.48 -13.92 -36.36
CA PHE A 73 1.77 -14.86 -35.47
C PHE A 73 0.26 -14.76 -35.66
N SER A 74 -0.17 -14.43 -36.87
CA SER A 74 -1.61 -14.30 -37.16
C SER A 74 -2.38 -15.53 -36.71
N ASN A 75 -3.56 -15.31 -36.13
CA ASN A 75 -4.45 -16.39 -35.71
C ASN A 75 -3.71 -17.51 -34.94
N SER A 76 -2.76 -17.14 -34.09
CA SER A 76 -2.03 -18.14 -33.32
C SER A 76 -2.68 -18.40 -31.96
N LYS A 77 -2.26 -19.48 -31.30
CA LYS A 77 -2.78 -19.80 -29.98
C LYS A 77 -1.66 -19.75 -28.93
N PHE A 78 -1.72 -18.75 -28.06
CA PHE A 78 -0.73 -18.59 -26.99
C PHE A 78 -1.37 -18.97 -25.66
N THR A 79 -2.59 -19.48 -25.72
CA THR A 79 -3.38 -19.82 -24.53
C THR A 79 -2.56 -20.57 -23.48
N TYR A 80 -2.59 -20.08 -22.25
CA TYR A 80 -1.94 -20.70 -21.09
C TYR A 80 -0.41 -20.72 -21.14
N SER A 81 0.18 -20.02 -22.11
CA SER A 81 1.62 -19.98 -22.22
C SER A 81 2.21 -18.91 -21.28
N ASP A 82 3.53 -18.92 -21.16
CA ASP A 82 4.23 -17.96 -20.33
C ASP A 82 5.22 -17.21 -21.21
N ILE A 83 4.89 -15.95 -21.50
CA ILE A 83 5.69 -15.06 -22.35
C ILE A 83 6.27 -13.90 -21.51
N SER A 84 6.32 -14.11 -20.20
CA SER A 84 6.81 -13.10 -19.26
C SER A 84 8.21 -12.64 -19.65
N HIS A 85 8.44 -11.33 -19.57
CA HIS A 85 9.78 -10.73 -19.74
C HIS A 85 10.34 -10.85 -21.15
N LEU A 86 9.48 -11.15 -22.11
CA LEU A 86 9.86 -11.20 -23.52
C LEU A 86 9.61 -9.84 -24.11
N HIS A 87 10.32 -9.53 -25.20
CA HIS A 87 10.08 -8.31 -25.95
C HIS A 87 9.82 -8.65 -27.42
N PHE A 88 8.59 -8.41 -27.87
CA PHE A 88 8.19 -8.63 -29.27
C PHE A 88 8.22 -7.29 -30.00
N ASP A 89 8.92 -7.23 -31.13
CA ASP A 89 9.00 -6.01 -31.93
C ASP A 89 8.58 -6.33 -33.36
N GLU A 90 7.79 -5.45 -33.95
CA GLU A 90 7.31 -5.59 -35.34
C GLU A 90 6.70 -6.96 -35.65
N CYS A 91 5.87 -7.45 -34.73
CA CYS A 91 5.20 -8.74 -34.92
C CYS A 91 3.72 -8.53 -35.24
N ARG A 92 3.09 -9.53 -35.86
CA ARG A 92 1.66 -9.52 -36.12
C ARG A 92 0.96 -10.57 -35.27
N PHE A 93 0.01 -10.14 -34.45
CA PHE A 93 -0.72 -11.05 -33.57
C PHE A 93 -2.19 -11.11 -33.92
N THR A 94 -2.56 -10.43 -35.02
CA THR A 94 -3.95 -10.31 -35.47
C THR A 94 -4.69 -11.64 -35.37
N TYR A 95 -5.84 -11.62 -34.69
CA TYR A 95 -6.70 -12.81 -34.52
C TYR A 95 -6.25 -13.84 -33.47
N SER A 96 -5.12 -13.62 -32.83
CA SER A 96 -4.55 -14.59 -31.89
C SER A 96 -5.30 -14.67 -30.55
N THR A 97 -5.22 -15.82 -29.89
CA THR A 97 -5.73 -15.96 -28.53
C THR A 97 -4.58 -15.93 -27.50
N LEU A 98 -4.60 -14.91 -26.65
CA LEU A 98 -3.67 -14.81 -25.52
C LEU A 98 -4.41 -14.93 -24.19
N SER A 99 -5.56 -15.59 -24.24
CA SER A 99 -6.35 -15.86 -23.05
C SER A 99 -5.50 -16.61 -22.02
N ASP A 100 -5.53 -16.11 -20.77
CA ASP A 100 -4.82 -16.75 -19.64
C ASP A 100 -3.32 -16.97 -19.84
N VAL A 101 -2.70 -16.09 -20.60
CA VAL A 101 -1.27 -16.12 -20.81
C VAL A 101 -0.57 -15.33 -19.71
N VAL A 102 0.46 -15.91 -19.10
CA VAL A 102 1.33 -15.18 -18.17
C VAL A 102 2.25 -14.26 -18.98
N CYS A 103 2.15 -12.95 -18.72
CA CYS A 103 2.90 -11.96 -19.48
C CYS A 103 3.47 -10.88 -18.55
N SER A 104 4.18 -11.30 -17.51
CA SER A 104 4.76 -10.36 -16.56
C SER A 104 5.84 -9.54 -17.23
N ASN A 105 5.60 -8.24 -17.34
CA ASN A 105 6.54 -7.25 -17.89
C ASN A 105 6.83 -7.44 -19.39
N THR A 106 5.98 -8.18 -20.08
CA THR A 106 6.12 -8.40 -21.52
C THR A 106 5.91 -7.10 -22.28
N LYS A 107 6.81 -6.84 -23.23
CA LYS A 107 6.72 -5.65 -24.05
C LYS A 107 6.33 -6.00 -25.47
N PHE A 108 5.36 -5.24 -26.01
CA PHE A 108 4.95 -5.35 -27.41
C PHE A 108 5.14 -3.99 -28.08
N SER A 109 6.08 -3.90 -29.00
CA SER A 109 6.35 -2.63 -29.65
C SER A 109 6.23 -2.74 -31.16
N ASN A 110 5.75 -1.65 -31.79
CA ASN A 110 5.60 -1.58 -33.24
C ASN A 110 4.81 -2.75 -33.82
N SER A 111 3.84 -3.26 -33.07
CA SER A 111 3.14 -4.49 -33.44
C SER A 111 1.67 -4.26 -33.78
N ASP A 112 1.11 -5.22 -34.52
CA ASP A 112 -0.31 -5.24 -34.82
C ASP A 112 -0.94 -6.32 -33.94
N MET A 113 -1.69 -5.87 -32.93
CA MET A 113 -2.36 -6.78 -32.01
C MET A 113 -3.87 -6.55 -32.08
N ASN A 114 -4.37 -6.54 -33.32
CA ASN A 114 -5.77 -6.28 -33.61
C ASN A 114 -6.61 -7.54 -33.51
N GLU A 115 -7.84 -7.40 -33.04
CA GLU A 115 -8.77 -8.52 -32.95
C GLU A 115 -8.21 -9.70 -32.12
N VAL A 116 -7.43 -9.40 -31.08
CA VAL A 116 -6.91 -10.48 -30.25
C VAL A 116 -7.71 -10.61 -28.94
N PHE A 117 -7.66 -11.79 -28.34
CA PHE A 117 -8.23 -11.97 -27.01
C PHE A 117 -7.11 -11.89 -25.99
N LEU A 118 -7.13 -10.84 -25.18
CA LEU A 118 -6.05 -10.58 -24.23
C LEU A 118 -6.48 -10.46 -22.76
N GLN A 119 -7.41 -11.31 -22.33
CA GLN A 119 -7.72 -11.41 -20.92
C GLN A 119 -6.76 -12.42 -20.33
N TYR A 120 -5.62 -11.90 -19.87
CA TYR A 120 -4.47 -12.71 -19.51
C TYR A 120 -4.58 -13.25 -18.08
N SER A 121 -3.65 -14.13 -17.69
CA SER A 121 -3.68 -14.80 -16.39
C SER A 121 -3.41 -13.84 -15.25
N ILE A 122 -4.17 -13.96 -14.15
CA ILE A 122 -3.96 -13.12 -12.97
C ILE A 122 -2.71 -13.51 -12.20
N THR A 123 -2.07 -14.62 -12.59
CA THR A 123 -0.76 -14.95 -12.02
C THR A 123 0.35 -14.02 -12.56
N THR A 124 0.02 -13.21 -13.57
CA THR A 124 0.92 -12.16 -14.08
C THR A 124 1.25 -11.10 -13.02
N GLN A 125 2.55 -10.87 -12.81
CA GLN A 125 3.04 -9.90 -11.81
C GLN A 125 3.04 -8.47 -12.36
N GLN A 126 4.05 -8.13 -13.13
CA GLN A 126 4.11 -6.83 -13.80
C GLN A 126 3.16 -6.79 -14.97
N GLN A 127 2.42 -5.69 -15.10
CA GLN A 127 1.65 -5.38 -16.31
C GLN A 127 2.50 -5.48 -17.57
N PRO A 128 1.90 -5.96 -18.67
CA PRO A 128 2.51 -5.83 -19.98
C PRO A 128 2.44 -4.38 -20.48
N SER A 129 3.33 -4.02 -21.40
CA SER A 129 3.29 -2.68 -21.94
C SER A 129 3.26 -2.71 -23.46
N PHE A 130 2.63 -1.70 -24.03
CA PHE A 130 2.36 -1.65 -25.47
C PHE A 130 2.89 -0.34 -26.04
N ILE A 131 3.88 -0.42 -26.92
CA ILE A 131 4.53 0.77 -27.46
C ILE A 131 4.41 0.80 -28.99
N ASP A 132 3.86 1.88 -29.54
CA ASP A 132 3.60 2.00 -30.99
C ASP A 132 2.89 0.76 -31.53
N THR A 133 1.82 0.36 -30.84
CA THR A 133 1.12 -0.89 -31.12
C THR A 133 -0.37 -0.60 -31.17
N THR A 134 -1.07 -1.26 -32.10
CA THR A 134 -2.51 -1.07 -32.26
C THR A 134 -3.23 -2.22 -31.57
N LEU A 135 -4.36 -1.93 -30.97
CA LEU A 135 -5.19 -2.93 -30.29
C LEU A 135 -6.65 -2.85 -30.75
N LYS A 136 -6.84 -2.72 -32.06
CA LYS A 136 -8.17 -2.57 -32.67
C LYS A 136 -9.11 -3.74 -32.37
N ASN A 137 -10.23 -3.45 -31.72
CA ASN A 137 -11.23 -4.47 -31.37
C ASN A 137 -10.70 -5.59 -30.48
N THR A 138 -9.65 -5.29 -29.72
CA THR A 138 -9.00 -6.28 -28.90
C THR A 138 -9.58 -6.20 -27.51
N LEU A 139 -9.92 -7.36 -26.94
CA LEU A 139 -10.36 -7.44 -25.56
C LEU A 139 -9.14 -7.59 -24.66
N ILE A 140 -8.82 -6.56 -23.88
CA ILE A 140 -7.68 -6.64 -22.93
C ILE A 140 -8.15 -6.66 -21.48
N ARG A 141 -7.43 -7.41 -20.64
CA ARG A 141 -7.58 -7.30 -19.20
C ARG A 141 -7.31 -5.85 -18.80
N HIS A 142 -8.04 -5.35 -17.79
CA HIS A 142 -8.04 -3.93 -17.45
C HIS A 142 -6.81 -3.48 -16.66
N LYS A 143 -5.71 -4.21 -16.81
CA LYS A 143 -4.45 -3.87 -16.16
C LYS A 143 -3.32 -3.95 -17.17
N ALA A 144 -2.99 -2.81 -17.77
CA ALA A 144 -1.94 -2.74 -18.78
C ALA A 144 -1.30 -1.35 -18.84
N ASN A 145 -0.07 -1.30 -19.32
CA ASN A 145 0.57 -0.01 -19.57
C ASN A 145 0.35 0.34 -21.03
N LEU A 146 -0.52 1.31 -21.27
CA LEU A 146 -0.87 1.73 -22.62
C LEU A 146 -0.23 3.06 -22.99
N SER A 147 0.89 3.37 -22.33
CA SER A 147 1.54 4.68 -22.54
C SER A 147 1.88 4.96 -23.99
N GLY A 148 2.11 3.91 -24.78
CA GLY A 148 2.48 4.10 -26.18
C GLY A 148 1.54 3.51 -27.22
N VAL A 149 0.31 3.19 -26.84
CA VAL A 149 -0.61 2.58 -27.81
C VAL A 149 -1.09 3.58 -28.85
N ILE A 150 -1.38 3.04 -30.03
CA ILE A 150 -1.97 3.81 -31.12
C ILE A 150 -3.48 3.54 -31.13
N LEU A 151 -4.27 4.60 -31.00
CA LEU A 151 -5.73 4.52 -31.02
C LEU A 151 -6.28 4.93 -32.37
N ASN A 152 -7.35 4.26 -32.79
CA ASN A 152 -8.08 4.65 -34.00
C ASN A 152 -9.57 4.78 -33.69
N GLU A 153 -10.32 5.46 -34.56
CA GLU A 153 -11.76 5.64 -34.40
C GLU A 153 -12.44 4.28 -34.37
N PRO A 154 -13.36 4.07 -33.39
CA PRO A 154 -13.97 2.74 -33.26
C PRO A 154 -14.88 2.44 -34.44
N ASP A 155 -14.93 1.18 -34.85
CA ASP A 155 -15.81 0.78 -35.96
C ASP A 155 -17.22 0.40 -35.50
N ASN A 156 -17.90 -0.40 -36.31
CA ASN A 156 -19.29 -0.78 -36.12
C ASN A 156 -19.49 -2.12 -35.40
N SER A 157 -18.39 -2.81 -35.12
CA SER A 157 -18.46 -4.21 -34.71
C SER A 157 -19.13 -4.40 -33.35
N SER A 158 -19.59 -5.62 -33.10
CA SER A 158 -20.18 -5.97 -31.81
C SER A 158 -19.04 -6.29 -30.84
N PRO A 159 -19.28 -6.15 -29.53
CA PRO A 159 -18.31 -6.62 -28.53
C PRO A 159 -17.97 -8.10 -28.75
N PRO A 160 -16.75 -8.53 -28.36
CA PRO A 160 -16.36 -9.92 -28.54
C PRO A 160 -17.34 -10.89 -27.86
N SER A 161 -17.41 -12.12 -28.37
CA SER A 161 -18.30 -13.13 -27.78
C SER A 161 -17.56 -13.84 -26.64
N VAL A 162 -18.18 -13.83 -25.46
CA VAL A 162 -17.51 -14.21 -24.23
C VAL A 162 -18.41 -15.15 -23.41
N SER A 163 -17.82 -15.93 -22.50
CA SER A 163 -18.56 -16.91 -21.70
C SER A 163 -19.46 -16.29 -20.63
N GLY A 164 -18.96 -15.25 -19.98
CA GLY A 164 -19.68 -14.59 -18.88
C GLY A 164 -19.14 -13.19 -18.63
N GLY A 165 -19.56 -12.60 -17.51
CA GLY A 165 -19.09 -11.28 -17.12
C GLY A 165 -20.02 -10.16 -17.52
N GLY A 166 -19.55 -8.94 -17.37
CA GLY A 166 -20.39 -7.76 -17.59
C GLY A 166 -20.34 -7.19 -18.98
N ASN A 167 -20.86 -5.99 -19.12
CA ASN A 167 -20.89 -5.25 -20.38
C ASN A 167 -19.50 -4.77 -20.77
N PHE A 168 -19.39 -4.25 -21.99
CA PHE A 168 -18.11 -3.81 -22.53
C PHE A 168 -18.12 -2.30 -22.70
N ILE A 169 -16.97 -1.68 -22.42
CA ILE A 169 -16.78 -0.25 -22.73
C ILE A 169 -15.65 -0.12 -23.75
N ARG A 170 -15.70 0.95 -24.54
CA ARG A 170 -14.59 1.30 -25.44
C ARG A 170 -13.57 2.14 -24.70
N LEU A 171 -12.31 1.87 -24.99
CA LEU A 171 -11.22 2.78 -24.68
C LEU A 171 -10.56 3.09 -26.01
N GLY A 172 -11.05 4.10 -26.71
CA GLY A 172 -10.71 4.28 -28.12
C GLY A 172 -11.33 3.13 -28.91
N ASP A 173 -10.50 2.35 -29.60
CA ASP A 173 -10.97 1.17 -30.34
C ASP A 173 -10.68 -0.15 -29.62
N ILE A 174 -10.29 -0.04 -28.35
CA ILE A 174 -10.03 -1.21 -27.50
C ILE A 174 -11.28 -1.52 -26.70
N TRP A 175 -11.53 -2.81 -26.45
CA TRP A 175 -12.61 -3.23 -25.57
C TRP A 175 -12.11 -3.56 -24.16
N LEU A 176 -12.84 -3.08 -23.15
CA LEU A 176 -12.60 -3.50 -21.77
C LEU A 176 -13.91 -4.08 -21.23
N GLN A 177 -13.84 -5.21 -20.54
CA GLN A 177 -15.05 -5.79 -19.93
C GLN A 177 -15.24 -5.31 -18.49
N MET A 178 -16.44 -4.83 -18.20
CA MET A 178 -16.83 -4.44 -16.85
C MET A 178 -17.24 -5.70 -16.08
N PRO A 179 -17.23 -5.62 -14.74
CA PRO A 179 -17.84 -6.68 -13.96
C PRO A 179 -19.35 -6.62 -14.16
N LEU A 180 -20.04 -7.72 -13.86
CA LEU A 180 -21.49 -7.75 -13.95
C LEU A 180 -22.10 -6.96 -12.80
N LEU A 181 -21.67 -7.29 -11.57
CA LEU A 181 -22.03 -6.50 -10.41
C LEU A 181 -20.78 -5.89 -9.84
N TRP A 182 -20.93 -4.80 -9.10
CA TRP A 182 -19.80 -4.25 -8.38
C TRP A 182 -19.79 -4.79 -6.96
N THR A 183 -19.29 -6.02 -6.84
CA THR A 183 -19.17 -6.65 -5.53
C THR A 183 -17.90 -6.12 -4.86
N GLU A 184 -17.73 -6.47 -3.58
CA GLU A 184 -16.52 -6.19 -2.83
C GLU A 184 -15.30 -6.66 -3.61
N ASN A 185 -15.36 -7.87 -4.15
CA ASN A 185 -14.28 -8.45 -4.94
C ASN A 185 -13.99 -7.70 -6.24
N ALA A 186 -15.04 -7.27 -6.94
CA ALA A 186 -14.88 -6.58 -8.23
C ALA A 186 -14.35 -5.16 -8.02
N VAL A 187 -14.89 -4.50 -7.00
CA VAL A 187 -14.42 -3.18 -6.59
C VAL A 187 -12.91 -3.21 -6.31
N ASP A 188 -12.45 -4.21 -5.59
CA ASP A 188 -11.02 -4.33 -5.30
C ASP A 188 -10.20 -4.61 -6.57
N GLY A 189 -10.64 -5.60 -7.35
CA GLY A 189 -9.92 -6.01 -8.55
C GLY A 189 -9.89 -4.98 -9.66
N PHE A 190 -10.89 -4.11 -9.74
CA PHE A 190 -10.95 -3.12 -10.80
C PHE A 190 -10.40 -1.76 -10.40
N LEU A 191 -10.65 -1.35 -9.15
CA LEU A 191 -10.45 0.05 -8.74
C LEU A 191 -9.30 0.28 -7.79
N ASN A 192 -9.02 -0.69 -6.93
CA ASN A 192 -8.09 -0.46 -5.85
C ASN A 192 -6.63 -0.65 -6.24
N HIS A 193 -6.03 0.34 -6.91
CA HIS A 193 -4.61 0.27 -7.21
C HIS A 193 -3.71 0.42 -5.98
N GLU A 194 -4.26 1.01 -4.92
CA GLU A 194 -3.50 1.19 -3.68
C GLU A 194 -3.14 -0.16 -3.03
N HIS A 195 -4.06 -1.12 -3.10
CA HIS A 195 -3.87 -2.44 -2.49
C HIS A 195 -3.52 -3.51 -3.53
N ASN A 196 -3.25 -3.08 -4.75
CA ASN A 196 -2.91 -3.97 -5.85
C ASN A 196 -1.69 -3.51 -6.64
N ASN A 197 -0.65 -3.09 -5.91
CA ASN A 197 0.66 -2.69 -6.47
C ASN A 197 0.58 -1.70 -7.63
N GLY A 198 -0.32 -0.74 -7.52
CA GLY A 198 -0.43 0.34 -8.52
C GLY A 198 -1.19 -0.04 -9.78
N LYS A 199 -1.88 -1.18 -9.76
CA LYS A 199 -2.64 -1.68 -10.92
C LYS A 199 -4.15 -1.52 -10.73
N SER A 200 -4.82 -0.99 -11.74
CA SER A 200 -6.28 -0.82 -11.71
C SER A 200 -6.75 -0.34 -13.07
N ILE A 201 -8.04 -0.45 -13.32
CA ILE A 201 -8.59 0.06 -14.58
C ILE A 201 -8.39 1.58 -14.64
N LEU A 202 -8.51 2.25 -13.49
CA LEU A 202 -8.25 3.69 -13.38
C LEU A 202 -6.85 4.06 -13.88
N MET A 203 -5.84 3.31 -13.44
CA MET A 203 -4.47 3.58 -13.84
C MET A 203 -4.22 3.19 -15.30
N THR A 204 -4.89 2.12 -15.76
CA THR A 204 -4.81 1.69 -17.16
C THR A 204 -5.31 2.76 -18.13
N ILE A 205 -6.55 3.21 -17.92
CA ILE A 205 -7.11 4.27 -18.77
C ILE A 205 -6.20 5.51 -18.68
N ASP A 206 -5.69 5.81 -17.49
CA ASP A 206 -4.90 7.02 -17.30
C ASP A 206 -3.48 6.94 -17.88
N SER A 207 -3.02 5.74 -18.22
CA SER A 207 -1.68 5.58 -18.80
C SER A 207 -1.60 6.00 -20.27
N LEU A 208 -2.73 6.13 -20.95
CA LEU A 208 -2.77 6.57 -22.36
C LEU A 208 -2.07 7.93 -22.54
N PRO A 209 -1.41 8.15 -23.70
CA PRO A 209 -0.76 9.45 -23.92
C PRO A 209 -1.76 10.61 -23.87
N ASP A 210 -1.24 11.80 -23.58
CA ASP A 210 -2.06 13.00 -23.40
C ASP A 210 -2.77 13.47 -24.67
N LYS A 211 -2.25 13.06 -25.83
CA LYS A 211 -2.90 13.39 -27.09
C LYS A 211 -4.26 12.70 -27.21
N TYR A 212 -4.49 11.68 -26.39
CA TYR A 212 -5.76 10.96 -26.37
C TYR A 212 -6.61 11.30 -25.14
N SER A 213 -6.50 12.53 -24.66
CA SER A 213 -7.26 12.96 -23.48
C SER A 213 -8.77 12.80 -23.68
N GLN A 214 -9.23 13.00 -24.91
CA GLN A 214 -10.64 12.85 -25.23
C GLN A 214 -11.10 11.41 -25.02
N GLU A 215 -10.32 10.46 -25.55
CA GLU A 215 -10.61 9.05 -25.40
C GLU A 215 -10.57 8.59 -23.94
N LYS A 216 -9.63 9.14 -23.17
CA LYS A 216 -9.50 8.86 -21.73
C LYS A 216 -10.75 9.24 -20.94
N VAL A 217 -11.20 10.47 -21.15
CA VAL A 217 -12.37 11.02 -20.49
C VAL A 217 -13.61 10.19 -20.86
N GLN A 218 -13.80 9.94 -22.16
CA GLN A 218 -14.90 9.10 -22.64
C GLN A 218 -14.92 7.73 -21.97
N ALA A 219 -13.78 7.04 -21.93
CA ALA A 219 -13.71 5.72 -21.30
C ALA A 219 -14.03 5.80 -19.81
N MET A 220 -13.50 6.84 -19.15
CA MET A 220 -13.74 7.06 -17.72
C MET A 220 -15.19 7.38 -17.42
N GLU A 221 -15.81 8.19 -18.27
CA GLU A 221 -17.24 8.46 -18.19
C GLU A 221 -18.04 7.16 -18.24
N ASP A 222 -17.65 6.26 -19.14
CA ASP A 222 -18.29 4.95 -19.30
C ASP A 222 -18.13 4.04 -18.08
N LEU A 223 -16.99 4.16 -17.40
CA LEU A 223 -16.75 3.41 -16.17
C LEU A 223 -17.60 3.96 -15.01
N VAL A 224 -17.64 5.29 -14.93
CA VAL A 224 -18.42 5.99 -13.92
C VAL A 224 -19.92 5.71 -14.11
N LYS A 225 -20.35 5.65 -15.37
CA LYS A 225 -21.71 5.22 -15.71
C LYS A 225 -21.99 3.82 -15.17
N SER A 226 -21.04 2.92 -15.33
CA SER A 226 -21.16 1.55 -14.84
C SER A 226 -21.23 1.57 -13.32
N LEU A 227 -20.36 2.37 -12.70
CA LEU A 227 -20.28 2.46 -11.25
C LEU A 227 -21.57 3.02 -10.66
N ARG A 228 -22.01 4.17 -11.17
CA ARG A 228 -23.30 4.74 -10.78
C ARG A 228 -24.44 3.76 -11.04
N GLY A 229 -24.40 3.12 -12.20
CA GLY A 229 -25.43 2.16 -12.62
C GLY A 229 -25.51 0.96 -11.69
N GLY A 230 -25.99 1.21 -10.47
CA GLY A 230 -26.07 0.21 -9.44
C GLY A 230 -24.92 0.30 -8.46
N ARG A 231 -24.56 1.54 -8.08
CA ARG A 231 -23.56 1.75 -7.04
C ARG A 231 -24.05 1.11 -5.76
N LEU A 232 -23.19 1.11 -4.75
CA LEU A 232 -23.52 0.45 -3.53
C LEU A 232 -23.96 1.43 -2.44
N THR A 233 -22.97 2.10 -1.85
CA THR A 233 -23.13 2.54 -0.47
C THR A 233 -21.81 3.16 -0.01
N GLU A 234 -21.66 3.34 1.29
CA GLU A 234 -20.44 3.86 1.89
C GLU A 234 -19.49 2.74 2.30
N ALA A 235 -20.05 1.60 2.73
CA ALA A 235 -19.26 0.44 3.11
C ALA A 235 -18.49 -0.16 1.93
N CYS A 236 -19.11 -0.14 0.75
CA CYS A 236 -18.54 -0.77 -0.44
C CYS A 236 -17.60 0.12 -1.23
N ILE A 237 -17.93 1.42 -1.32
CA ILE A 237 -17.05 2.37 -2.00
C ILE A 237 -15.88 2.78 -1.09
N ARG A 238 -16.05 2.60 0.22
CA ARG A 238 -15.07 3.08 1.20
C ARG A 238 -13.62 2.63 0.98
N PRO A 239 -13.40 1.32 0.72
CA PRO A 239 -12.03 0.87 0.47
C PRO A 239 -11.35 1.55 -0.74
N VAL A 240 -12.15 2.08 -1.67
CA VAL A 240 -11.56 2.65 -2.91
C VAL A 240 -11.81 4.14 -3.14
N GLU A 241 -12.38 4.82 -2.15
CA GLU A 241 -12.59 6.27 -2.23
C GLU A 241 -11.27 6.96 -2.57
N SER A 242 -10.20 6.47 -1.94
CA SER A 242 -8.87 7.03 -2.09
C SER A 242 -8.35 6.81 -3.50
N SER A 243 -8.34 5.56 -3.96
CA SER A 243 -7.98 5.24 -5.34
C SER A 243 -8.81 6.02 -6.37
N LEU A 244 -10.11 6.18 -6.14
CA LEU A 244 -10.96 6.94 -7.08
C LEU A 244 -10.55 8.40 -7.22
N VAL A 245 -10.43 9.10 -6.10
CA VAL A 245 -10.07 10.52 -6.12
C VAL A 245 -8.63 10.73 -6.57
N SER A 246 -7.77 9.72 -6.35
CA SER A 246 -6.37 9.83 -6.71
C SER A 246 -6.18 10.03 -8.21
N VAL A 247 -7.18 9.62 -8.99
CA VAL A 247 -7.10 9.70 -10.45
C VAL A 247 -8.15 10.69 -10.98
N LEU A 248 -9.38 10.56 -10.51
CA LEU A 248 -10.50 11.33 -11.09
C LEU A 248 -10.64 12.78 -10.63
N ALA A 249 -9.96 13.14 -9.54
CA ALA A 249 -10.00 14.52 -9.04
C ALA A 249 -8.93 15.39 -9.68
N HIS A 250 -8.33 14.90 -10.76
CA HIS A 250 -7.29 15.63 -11.48
C HIS A 250 -7.67 15.73 -12.95
N PRO A 251 -7.08 16.72 -13.66
CA PRO A 251 -7.26 16.80 -15.11
C PRO A 251 -6.75 15.54 -15.83
N PRO A 252 -7.38 15.17 -16.97
CA PRO A 252 -8.48 15.88 -17.64
C PRO A 252 -9.90 15.52 -17.19
N TYR A 253 -10.05 14.74 -16.12
CA TYR A 253 -11.36 14.27 -15.66
C TYR A 253 -12.18 15.36 -14.98
N THR A 254 -11.48 16.43 -14.58
CA THR A 254 -12.10 17.63 -14.05
C THR A 254 -12.95 18.37 -15.09
N GLN A 255 -12.62 18.20 -16.37
CA GLN A 255 -13.36 18.85 -17.44
C GLN A 255 -14.64 18.11 -17.81
N SER A 256 -14.79 16.89 -17.31
CA SER A 256 -15.99 16.13 -17.56
C SER A 256 -17.07 16.49 -16.56
N ALA A 257 -18.16 17.05 -17.06
CA ALA A 257 -19.33 17.40 -16.26
C ALA A 257 -19.90 16.16 -15.57
N LEU A 258 -19.93 15.04 -16.28
CA LEU A 258 -20.42 13.77 -15.75
C LEU A 258 -19.55 13.21 -14.61
N ILE A 259 -18.24 13.14 -14.83
CA ILE A 259 -17.35 12.65 -13.77
C ILE A 259 -17.35 13.59 -12.55
N SER A 260 -17.22 14.90 -12.80
CA SER A 260 -17.24 15.90 -11.73
C SER A 260 -18.46 15.83 -10.84
N GLU A 261 -19.63 15.63 -11.44
CA GLU A 261 -20.88 15.52 -10.69
C GLU A 261 -20.89 14.27 -9.82
N TRP A 262 -20.49 13.14 -10.39
CA TRP A 262 -20.39 11.90 -9.65
C TRP A 262 -19.35 12.00 -8.52
N LEU A 263 -18.20 12.60 -8.82
CA LEU A 263 -17.09 12.62 -7.88
C LEU A 263 -17.34 13.51 -6.66
N GLY A 264 -18.14 14.55 -6.84
CA GLY A 264 -18.50 15.47 -5.75
C GLY A 264 -18.77 14.78 -4.42
N PRO A 265 -19.86 14.01 -4.33
CA PRO A 265 -20.19 13.25 -3.12
C PRO A 265 -19.14 12.22 -2.69
N VAL A 266 -18.43 11.61 -3.64
CA VAL A 266 -17.42 10.59 -3.31
C VAL A 266 -16.23 11.23 -2.59
N GLN A 267 -15.82 12.40 -3.06
CA GLN A 267 -14.69 13.14 -2.48
C GLN A 267 -15.05 13.70 -1.10
N GLU A 268 -16.28 14.18 -0.95
CA GLU A 268 -16.80 14.64 0.34
C GLU A 268 -16.82 13.53 1.39
N ARG A 269 -17.27 12.34 0.98
CA ARG A 269 -17.23 11.17 1.85
C ARG A 269 -15.80 10.80 2.22
N PHE A 270 -14.91 10.82 1.23
CA PHE A 270 -13.49 10.58 1.45
C PHE A 270 -12.91 11.54 2.48
N PHE A 271 -13.18 12.83 2.29
CA PHE A 271 -12.70 13.89 3.17
C PHE A 271 -13.26 13.77 4.59
N ALA A 272 -14.56 13.57 4.71
CA ALA A 272 -15.20 13.34 6.01
C ALA A 272 -14.55 12.18 6.75
N HIS A 273 -14.27 11.09 6.04
CA HIS A 273 -13.58 9.93 6.62
C HIS A 273 -12.18 10.26 7.13
N GLN A 274 -11.43 11.07 6.38
CA GLN A 274 -10.10 11.49 6.81
C GLN A 274 -10.18 12.32 8.09
N CYS A 275 -11.19 13.19 8.16
CA CYS A 275 -11.46 14.01 9.34
C CYS A 275 -11.80 13.16 10.57
N GLN A 276 -12.49 12.05 10.36
CA GLN A 276 -12.85 11.15 11.46
C GLN A 276 -11.68 10.27 11.93
N THR A 277 -10.71 10.04 11.05
CA THR A 277 -9.63 9.12 11.32
C THR A 277 -8.36 9.83 11.80
N TYR A 278 -8.01 10.95 11.15
CA TYR A 278 -6.72 11.58 11.35
C TYR A 278 -6.71 12.98 11.97
N ASN A 279 -7.82 13.41 12.54
CA ASN A 279 -7.84 14.67 13.29
C ASN A 279 -7.09 14.49 14.60
N ASP A 280 -7.24 13.30 15.19
CA ASP A 280 -6.70 12.98 16.51
C ASP A 280 -5.61 11.91 16.47
N VAL A 281 -5.21 11.51 15.27
CA VAL A 281 -4.15 10.51 15.06
C VAL A 281 -3.23 11.01 13.95
N PRO A 282 -1.90 10.89 14.15
CA PRO A 282 -0.96 11.26 13.10
C PRO A 282 -1.20 10.53 11.78
N LEU A 283 -1.17 11.30 10.70
CA LEU A 283 -1.23 10.76 9.36
C LEU A 283 0.10 10.06 9.10
N PRO A 284 0.07 8.82 8.57
CA PRO A 284 1.33 8.16 8.23
C PRO A 284 2.08 8.98 7.19
N ALA A 285 3.38 9.14 7.39
CA ALA A 285 4.21 9.94 6.49
C ALA A 285 3.88 9.63 5.03
N PRO A 286 3.39 10.64 4.28
CA PRO A 286 2.96 10.46 2.89
C PRO A 286 4.11 10.04 1.99
N ASP A 287 3.87 9.04 1.15
CA ASP A 287 4.83 8.67 0.11
C ASP A 287 4.60 9.49 -1.17
N THR A 288 5.33 9.17 -2.25
CA THR A 288 5.25 9.89 -3.51
C THR A 288 3.81 9.91 -4.08
N TYR A 289 3.16 8.75 -4.09
CA TYR A 289 1.79 8.66 -4.56
C TYR A 289 0.86 9.61 -3.79
N TYR A 290 0.96 9.56 -2.47
CA TYR A 290 0.08 10.35 -1.61
C TYR A 290 0.30 11.85 -1.82
N GLN A 291 1.56 12.24 -1.95
CA GLN A 291 1.93 13.63 -2.15
C GLN A 291 1.46 14.16 -3.49
N GLN A 292 1.56 13.34 -4.53
CA GLN A 292 1.19 13.77 -5.88
C GLN A 292 -0.31 13.70 -6.18
N ARG A 293 -1.00 12.73 -5.59
CA ARG A 293 -2.38 12.45 -5.97
C ARG A 293 -3.43 12.68 -4.88
N ILE A 294 -3.05 12.59 -3.61
CA ILE A 294 -4.04 12.65 -2.55
C ILE A 294 -4.04 14.00 -1.85
N LEU A 295 -2.85 14.50 -1.49
CA LEU A 295 -2.74 15.82 -0.85
C LEU A 295 -3.48 16.94 -1.59
N PRO A 296 -3.32 17.05 -2.94
CA PRO A 296 -4.10 18.07 -3.68
C PRO A 296 -5.61 17.91 -3.53
N VAL A 297 -6.07 16.66 -3.42
CA VAL A 297 -7.49 16.38 -3.20
C VAL A 297 -7.94 16.91 -1.81
N LEU A 298 -7.17 16.60 -0.78
CA LEU A 298 -7.46 17.12 0.58
C LEU A 298 -7.46 18.65 0.66
N LEU A 299 -6.52 19.30 -0.04
CA LEU A 299 -6.52 20.77 -0.12
C LEU A 299 -7.80 21.26 -0.75
N ASP A 300 -8.21 20.61 -1.83
CA ASP A 300 -9.41 20.99 -2.53
C ASP A 300 -10.65 20.84 -1.63
N SER A 301 -10.72 19.75 -0.87
CA SER A 301 -11.84 19.55 0.06
C SER A 301 -11.90 20.61 1.14
N PHE A 302 -10.74 20.95 1.71
CA PHE A 302 -10.66 22.04 2.69
C PHE A 302 -11.04 23.38 2.09
N ASP A 303 -10.72 23.55 0.81
CA ASP A 303 -11.08 24.77 0.07
C ASP A 303 -12.59 24.86 -0.12
N ARG A 304 -13.23 23.71 -0.33
CA ARG A 304 -14.69 23.62 -0.54
C ARG A 304 -15.47 23.66 0.76
N ASN A 305 -14.81 23.32 1.85
CA ASN A 305 -15.40 23.30 3.19
C ASN A 305 -14.46 23.99 4.16
N SER A 306 -14.33 25.31 3.98
CA SER A 306 -13.40 26.11 4.77
C SER A 306 -13.64 26.03 6.29
N ALA A 307 -14.86 25.69 6.70
CA ALA A 307 -15.18 25.53 8.12
C ALA A 307 -14.40 24.40 8.78
N ALA A 308 -14.14 23.33 8.03
CA ALA A 308 -13.41 22.17 8.53
C ALA A 308 -11.96 22.50 8.94
N MET A 309 -11.41 23.59 8.40
CA MET A 309 -10.06 24.06 8.77
C MET A 309 -9.87 24.26 10.28
N THR A 310 -10.88 24.83 10.94
CA THR A 310 -10.84 25.12 12.38
C THR A 310 -11.56 24.06 13.22
N THR A 311 -12.60 23.47 12.68
CA THR A 311 -13.30 22.35 13.32
C THR A 311 -12.39 21.10 13.40
N HIS A 312 -11.55 20.93 12.39
CA HIS A 312 -10.63 19.81 12.30
C HIS A 312 -9.22 20.31 12.00
N SER A 313 -8.70 21.08 12.93
CA SER A 313 -7.38 21.71 12.80
C SER A 313 -6.25 20.71 13.00
N GLY A 314 -6.54 19.59 13.67
CA GLY A 314 -5.60 18.48 13.79
C GLY A 314 -5.26 17.93 12.41
N LEU A 315 -6.27 17.52 11.65
CA LEU A 315 -6.06 17.07 10.28
C LEU A 315 -5.54 18.20 9.39
N PHE A 316 -6.16 19.37 9.47
CA PHE A 316 -5.78 20.51 8.62
C PHE A 316 -4.30 20.85 8.70
N ASN A 317 -3.81 21.08 9.93
CA ASN A 317 -2.39 21.35 10.14
C ASN A 317 -1.44 20.26 9.62
N GLN A 318 -1.84 19.00 9.77
CA GLN A 318 -1.06 17.86 9.21
C GLN A 318 -0.94 17.92 7.68
N VAL A 319 -2.08 18.13 7.02
CA VAL A 319 -2.14 18.21 5.55
C VAL A 319 -1.25 19.35 5.05
N ILE A 320 -1.40 20.53 5.65
CA ILE A 320 -0.58 21.71 5.33
C ILE A 320 0.90 21.43 5.54
N LEU A 321 1.23 20.89 6.71
CA LEU A 321 2.59 20.45 7.00
C LEU A 321 3.19 19.56 5.90
N HIS A 322 2.48 18.51 5.52
CA HIS A 322 3.00 17.58 4.50
C HIS A 322 3.06 18.15 3.09
N CYS A 323 2.14 19.06 2.77
CA CYS A 323 2.16 19.80 1.51
C CYS A 323 3.40 20.68 1.40
N MET A 324 3.80 21.26 2.53
CA MET A 324 4.95 22.15 2.58
C MET A 324 6.29 21.42 2.60
N THR A 325 6.31 20.21 3.15
CA THR A 325 7.58 19.49 3.38
C THR A 325 7.84 18.25 2.51
N GLY A 326 6.81 17.78 1.81
CA GLY A 326 6.95 16.62 0.92
C GLY A 326 7.85 16.92 -0.27
N VAL A 327 8.83 16.05 -0.49
CA VAL A 327 9.81 16.24 -1.57
C VAL A 327 9.18 16.11 -2.97
N ASP A 328 8.03 15.44 -3.05
CA ASP A 328 7.35 15.19 -4.32
C ASP A 328 6.11 16.06 -4.58
N CYS A 329 5.77 16.94 -3.65
CA CYS A 329 4.66 17.88 -3.87
C CYS A 329 5.00 18.88 -4.96
N THR A 330 4.03 19.20 -5.82
CA THR A 330 4.23 20.23 -6.85
C THR A 330 4.26 21.61 -6.20
N ASP A 331 4.78 22.60 -6.94
CA ASP A 331 4.78 23.98 -6.48
C ASP A 331 3.35 24.47 -6.26
N GLY A 332 2.46 24.12 -7.19
CA GLY A 332 1.04 24.44 -7.08
C GLY A 332 0.43 23.92 -5.78
N THR A 333 0.78 22.69 -5.39
CA THR A 333 0.30 22.11 -4.12
C THR A 333 0.78 22.94 -2.91
N ARG A 334 2.06 23.34 -2.93
CA ARG A 334 2.61 24.15 -1.83
C ARG A 334 1.96 25.55 -1.76
N GLN A 335 1.80 26.18 -2.92
CA GLN A 335 1.15 27.48 -3.00
C GLN A 335 -0.29 27.42 -2.51
N LYS A 336 -1.04 26.41 -2.95
CA LYS A 336 -2.43 26.22 -2.53
C LYS A 336 -2.52 26.03 -1.02
N ALA A 337 -1.61 25.21 -0.48
CA ALA A 337 -1.50 24.96 0.96
C ALA A 337 -1.25 26.26 1.72
N ALA A 338 -0.33 27.08 1.22
CA ALA A 338 -0.04 28.36 1.85
C ALA A 338 -1.26 29.29 1.80
N ALA A 339 -1.91 29.35 0.63
CA ALA A 339 -3.12 30.16 0.45
C ALA A 339 -4.23 29.75 1.41
N LEU A 340 -4.44 28.43 1.58
CA LEU A 340 -5.43 27.95 2.55
C LEU A 340 -5.03 28.27 3.98
N TYR A 341 -3.72 28.17 4.26
CA TYR A 341 -3.25 28.45 5.61
C TYR A 341 -3.48 29.91 6.01
N GLU A 342 -3.30 30.81 5.05
CA GLU A 342 -3.64 32.21 5.25
C GLU A 342 -5.09 32.44 5.68
N GLN A 343 -6.03 31.75 5.03
CA GLN A 343 -7.45 31.82 5.41
C GLN A 343 -7.71 31.34 6.84
N TYR A 344 -7.02 30.26 7.20
CA TYR A 344 -7.04 29.69 8.54
C TYR A 344 -6.58 30.72 9.57
N LEU A 345 -5.50 31.43 9.24
CA LEU A 345 -4.92 32.38 10.17
C LEU A 345 -5.75 33.66 10.29
N ALA A 346 -6.60 33.90 9.28
CA ALA A 346 -7.52 35.05 9.26
C ALA A 346 -8.79 34.76 10.04
N HIS A 347 -9.02 33.49 10.36
CA HIS A 347 -10.21 33.11 11.12
C HIS A 347 -10.23 33.77 12.49
N PRO A 348 -11.42 34.23 12.93
CA PRO A 348 -11.58 34.87 14.25
C PRO A 348 -11.06 34.05 15.44
N ALA A 349 -11.08 32.73 15.31
CA ALA A 349 -10.65 31.84 16.41
C ALA A 349 -9.13 31.66 16.43
N VAL A 350 -8.48 31.92 15.30
CA VAL A 350 -7.04 31.70 15.18
C VAL A 350 -6.27 33.02 15.29
N SER A 351 -6.77 34.07 14.65
CA SER A 351 -6.06 35.36 14.61
C SER A 351 -5.61 35.92 15.97
N PRO A 352 -6.43 35.78 17.05
CA PRO A 352 -5.99 36.22 18.38
C PRO A 352 -4.65 35.64 18.80
N HIS A 353 -4.41 34.36 18.48
CA HIS A 353 -3.22 33.65 18.92
C HIS A 353 -1.98 34.07 18.15
N ILE A 354 -2.16 34.79 17.05
CA ILE A 354 -1.03 35.26 16.27
C ILE A 354 -0.32 36.35 17.06
N HIS A 355 0.84 35.99 17.60
CA HIS A 355 1.56 36.82 18.55
C HIS A 355 2.76 37.49 17.89
N ASN A 356 2.84 38.81 18.06
CA ASN A 356 3.70 39.66 17.21
C ASN A 356 5.17 39.29 17.14
N GLY A 357 5.74 38.88 18.27
CA GLY A 357 7.18 38.71 18.36
C GLY A 357 7.69 37.30 18.11
N LEU A 358 6.78 36.35 17.90
CA LEU A 358 7.18 34.94 17.78
C LEU A 358 6.72 34.23 16.50
N PHE A 359 5.62 34.68 15.90
CA PHE A 359 5.03 33.98 14.76
C PHE A 359 5.66 34.31 13.40
N GLY A 360 5.99 33.26 12.65
CA GLY A 360 6.44 33.38 11.25
C GLY A 360 7.48 34.44 10.99
N ASN A 361 7.14 35.39 10.11
CA ASN A 361 8.02 36.51 9.78
C ASN A 361 7.89 37.68 10.75
N TYR A 362 7.08 37.49 11.79
CA TYR A 362 6.80 38.50 12.83
C TYR A 362 5.84 39.63 12.39
N ASP A 363 5.26 39.50 11.19
CA ASP A 363 4.23 40.45 10.73
C ASP A 363 2.86 39.79 10.54
N GLY A 364 2.57 38.75 11.31
CA GLY A 364 1.32 38.01 11.18
C GLY A 364 1.17 37.26 9.86
N SER A 365 2.30 36.79 9.33
CA SER A 365 2.30 35.85 8.22
C SER A 365 3.45 34.87 8.44
N PRO A 366 3.27 33.60 8.05
CA PRO A 366 4.37 32.63 8.22
C PRO A 366 5.55 32.92 7.27
N ASP A 367 6.70 32.30 7.56
CA ASP A 367 7.85 32.31 6.65
C ASP A 367 8.12 30.91 6.12
N TRP A 368 7.54 30.59 4.97
CA TRP A 368 7.69 29.27 4.36
C TRP A 368 9.06 29.00 3.71
N THR A 369 9.94 30.00 3.69
CA THR A 369 11.29 29.83 3.15
C THR A 369 12.25 29.14 4.14
N THR A 370 11.79 28.92 5.38
CA THR A 370 12.60 28.27 6.39
C THR A 370 11.78 27.33 7.27
N ARG A 371 12.38 26.18 7.60
CA ARG A 371 11.71 25.17 8.41
C ARG A 371 11.84 25.44 9.90
N ALA A 372 12.74 26.34 10.26
CA ALA A 372 12.96 26.71 11.67
C ALA A 372 12.05 27.85 12.14
N ALA A 373 11.32 28.47 11.21
CA ALA A 373 10.36 29.52 11.56
C ALA A 373 9.10 28.89 12.15
N ASP A 374 8.52 29.55 13.15
CA ASP A 374 7.32 29.05 13.83
C ASP A 374 6.06 29.40 13.04
N ASN A 375 5.75 28.55 12.06
CA ASN A 375 4.68 28.85 11.11
C ASN A 375 3.35 28.19 11.43
N PHE A 376 3.32 27.32 12.43
CA PHE A 376 2.13 26.54 12.74
C PHE A 376 1.48 26.89 14.07
N LEU A 377 0.17 27.13 14.02
CA LEU A 377 -0.66 27.32 15.21
C LEU A 377 -1.77 26.27 15.26
N LEU A 378 -1.79 25.49 16.34
CA LEU A 378 -2.77 24.41 16.51
C LEU A 378 -3.70 24.73 17.66
N LEU A 379 -4.98 24.87 17.34
CA LEU A 379 -6.00 25.13 18.35
C LEU A 379 -6.16 23.94 19.28
N SER A 380 -6.50 24.21 20.53
CA SER A 380 -6.82 23.15 21.48
C SER A 380 -8.17 22.53 21.13
N SER A 381 -8.28 21.22 21.33
CA SER A 381 -9.53 20.50 21.07
C SER A 381 -10.59 20.68 22.17
N GLN A 382 -10.25 21.38 23.24
CA GLN A 382 -11.15 21.48 24.39
C GLN A 382 -11.39 22.90 24.90
N ASP A 383 -10.32 23.69 24.97
CA ASP A 383 -10.43 25.06 25.46
C ASP A 383 -10.28 26.04 24.31
N SER A 384 -11.25 26.94 24.19
CA SER A 384 -11.29 27.90 23.09
C SER A 384 -10.05 28.80 23.03
N ASP A 385 -9.55 29.19 24.22
CA ASP A 385 -8.53 30.23 24.32
C ASP A 385 -7.07 29.76 24.34
N THR A 386 -6.82 28.48 24.07
CA THR A 386 -5.45 27.95 24.09
C THR A 386 -4.98 27.34 22.77
N ALA A 387 -3.74 27.66 22.40
CA ALA A 387 -3.14 27.19 21.16
C ALA A 387 -1.69 26.79 21.38
N MET A 388 -1.17 26.02 20.44
CA MET A 388 0.23 25.65 20.41
C MET A 388 0.89 26.26 19.17
N MET A 389 2.11 26.77 19.33
CA MET A 389 2.89 27.28 18.21
C MET A 389 4.23 26.56 18.13
N LEU A 390 4.59 26.13 16.92
CA LEU A 390 5.85 25.43 16.69
C LEU A 390 6.30 25.55 15.24
N SER A 391 7.56 25.19 14.99
CA SER A 391 8.15 25.31 13.66
C SER A 391 7.74 24.14 12.78
N THR A 392 7.96 24.29 11.48
CA THR A 392 7.82 23.18 10.53
C THR A 392 8.66 21.96 10.94
N ASP A 393 9.93 22.19 11.30
CA ASP A 393 10.83 21.12 11.75
C ASP A 393 10.30 20.34 12.95
N THR A 394 9.87 21.06 13.99
CA THR A 394 9.34 20.43 15.20
C THR A 394 8.07 19.63 14.96
N LEU A 395 7.14 20.21 14.19
CA LEU A 395 5.87 19.56 13.92
C LEU A 395 6.11 18.21 13.23
N LEU A 396 7.02 18.21 12.25
CA LEU A 396 7.42 16.98 11.57
C LEU A 396 7.77 15.89 12.56
N THR A 397 8.63 16.21 13.51
CA THR A 397 9.14 15.23 14.47
C THR A 397 8.10 14.83 15.52
N MET A 398 7.23 15.77 15.89
CA MET A 398 6.17 15.44 16.85
C MET A 398 5.04 14.59 16.27
N LEU A 399 4.85 14.70 14.95
CA LEU A 399 3.83 13.90 14.25
C LEU A 399 4.33 12.50 13.91
N ASN A 400 5.60 12.38 13.56
CA ASN A 400 6.25 11.10 13.29
C ASN A 400 7.44 10.94 14.22
N PRO A 401 7.17 10.63 15.51
CA PRO A 401 8.24 10.63 16.50
C PRO A 401 9.30 9.55 16.26
N THR A 402 10.51 9.86 16.70
CA THR A 402 11.67 9.00 16.55
C THR A 402 11.99 8.54 17.98
N PRO A 403 12.87 7.52 18.15
CA PRO A 403 13.14 7.09 19.52
C PRO A 403 13.58 8.25 20.43
N ASP A 404 14.33 9.20 19.87
CA ASP A 404 14.83 10.35 20.61
C ASP A 404 14.21 11.66 20.12
N THR A 405 12.91 11.82 20.38
CA THR A 405 12.18 13.06 20.07
C THR A 405 11.68 13.68 21.37
N ALA A 406 11.95 14.98 21.55
CA ALA A 406 11.53 15.72 22.74
C ALA A 406 10.18 16.43 22.53
N TRP A 407 9.46 16.58 23.64
CA TRP A 407 8.09 17.10 23.63
C TRP A 407 8.01 18.44 24.36
N ASP A 408 9.06 19.24 24.23
CA ASP A 408 9.16 20.53 24.88
C ASP A 408 9.63 21.62 23.93
N ASN A 409 9.55 21.36 22.63
CA ASN A 409 10.03 22.31 21.62
C ASN A 409 8.93 23.18 21.00
N PHE A 410 7.86 23.37 21.76
CA PHE A 410 6.73 24.18 21.28
C PHE A 410 6.40 25.32 22.25
N TYR A 411 5.68 26.31 21.76
CA TYR A 411 5.18 27.41 22.59
C TYR A 411 3.70 27.20 22.88
N LEU A 412 3.34 27.30 24.16
CA LEU A 412 1.95 27.26 24.58
C LEU A 412 1.44 28.68 24.60
N LEU A 413 0.35 28.93 23.88
CA LEU A 413 -0.22 30.27 23.83
C LEU A 413 -1.59 30.30 24.51
N ARG A 414 -1.87 31.43 25.16
CA ARG A 414 -3.16 31.68 25.80
C ARG A 414 -3.21 33.13 26.22
N ALA A 415 -4.39 33.74 26.11
CA ALA A 415 -4.64 35.10 26.57
C ALA A 415 -3.69 36.15 25.95
N GLY A 416 -3.24 35.87 24.73
CA GLY A 416 -2.25 36.73 24.05
C GLY A 416 -0.86 36.60 24.63
N GLU A 417 -0.60 35.50 25.33
CA GLU A 417 0.68 35.32 26.02
C GLU A 417 1.34 33.96 25.76
N ASN A 418 2.68 34.00 25.68
CA ASN A 418 3.50 32.79 25.70
C ASN A 418 3.61 32.24 27.13
N VAL A 419 2.81 31.21 27.42
CA VAL A 419 2.70 30.63 28.77
C VAL A 419 3.89 29.72 29.10
N SER A 420 4.13 29.51 30.39
CA SER A 420 5.19 28.60 30.84
C SER A 420 4.75 27.14 30.79
N THR A 421 5.63 26.28 30.28
CA THR A 421 5.36 24.85 30.16
C THR A 421 6.24 24.03 31.11
N ALA A 422 7.01 24.73 31.94
CA ALA A 422 7.69 24.08 33.06
C ALA A 422 6.63 23.77 34.11
N GLN A 423 6.81 22.66 34.83
CA GLN A 423 5.86 22.21 35.85
C GLN A 423 4.54 21.69 35.26
N ILE A 424 4.60 21.22 34.01
CA ILE A 424 3.51 20.48 33.40
C ILE A 424 4.07 19.53 32.33
N SER A 425 3.84 18.23 32.53
CA SER A 425 4.33 17.20 31.62
C SER A 425 3.61 17.31 30.29
N PRO A 426 4.37 17.17 29.19
CA PRO A 426 3.78 17.20 27.85
C PRO A 426 2.57 16.27 27.74
N VAL A 427 2.69 15.05 28.27
CA VAL A 427 1.59 14.08 28.29
C VAL A 427 0.26 14.69 28.74
N GLU A 428 0.29 15.31 29.93
CA GLU A 428 -0.91 15.89 30.54
C GLU A 428 -1.51 17.00 29.66
N LEU A 429 -0.66 17.86 29.12
CA LEU A 429 -1.11 18.90 28.20
C LEU A 429 -1.78 18.28 26.97
N PHE A 430 -1.12 17.31 26.35
CA PHE A 430 -1.65 16.65 25.15
C PHE A 430 -2.98 15.97 25.40
N ARG A 431 -3.10 15.25 26.52
CA ARG A 431 -4.32 14.51 26.85
C ARG A 431 -5.54 15.42 26.91
N HIS A 432 -5.37 16.58 27.54
CA HIS A 432 -6.47 17.52 27.74
C HIS A 432 -6.76 18.39 26.51
N ASP A 433 -5.73 18.68 25.71
CA ASP A 433 -5.86 19.72 24.67
C ASP A 433 -5.42 19.34 23.25
N PHE A 434 -4.46 18.43 23.12
CA PHE A 434 -3.89 18.11 21.80
C PHE A 434 -3.83 16.60 21.53
N PRO A 435 -4.99 16.01 21.16
CA PRO A 435 -5.16 14.56 20.96
C PRO A 435 -4.16 13.91 19.99
N VAL A 436 -3.81 14.62 18.91
CA VAL A 436 -2.89 14.07 17.92
C VAL A 436 -1.52 13.79 18.55
N PHE A 437 -1.11 14.66 19.46
CA PHE A 437 0.18 14.52 20.12
C PHE A 437 0.18 13.51 21.26
N LEU A 438 -0.98 13.35 21.91
CA LEU A 438 -1.15 12.26 22.85
C LEU A 438 -0.89 10.93 22.14
N ALA A 439 -1.51 10.77 20.97
CA ALA A 439 -1.31 9.59 20.13
C ALA A 439 0.15 9.40 19.71
N ALA A 440 0.80 10.46 19.22
CA ALA A 440 2.21 10.38 18.84
C ALA A 440 3.10 10.05 20.05
N PHE A 441 2.80 10.69 21.19
CA PHE A 441 3.52 10.43 22.44
C PHE A 441 3.39 8.98 22.87
N ASN A 442 2.16 8.46 22.84
CA ASN A 442 1.90 7.05 23.17
C ASN A 442 2.56 6.09 22.17
N GLN A 443 2.58 6.46 20.90
CA GLN A 443 3.27 5.69 19.86
C GLN A 443 4.76 5.57 20.19
N GLN A 444 5.39 6.70 20.51
CA GLN A 444 6.80 6.70 20.89
C GLN A 444 7.04 5.79 22.10
N ALA A 445 6.18 5.92 23.10
CA ALA A 445 6.28 5.11 24.32
C ALA A 445 6.17 3.61 24.01
N THR A 446 5.19 3.23 23.20
CA THR A 446 4.97 1.83 22.81
C THR A 446 6.14 1.24 22.05
N GLN A 447 6.73 2.04 21.17
CA GLN A 447 7.89 1.65 20.39
C GLN A 447 9.13 1.49 21.29
N ARG A 448 9.24 2.40 22.26
CA ARG A 448 10.33 2.39 23.22
C ARG A 448 10.30 1.12 24.06
N ARG A 449 9.11 0.76 24.54
CA ARG A 449 8.97 -0.44 25.39
C ARG A 449 9.18 -1.73 24.62
N PHE A 450 8.63 -1.81 23.41
CA PHE A 450 8.88 -2.96 22.54
C PHE A 450 10.38 -3.09 22.25
N GLY A 451 11.02 -1.95 21.97
CA GLY A 451 12.46 -1.88 21.76
C GLY A 451 13.26 -2.42 22.93
N GLU A 452 12.83 -2.05 24.15
CA GLU A 452 13.45 -2.54 25.38
C GLU A 452 13.37 -4.06 25.48
N LEU A 453 12.20 -4.63 25.16
CA LEU A 453 12.04 -6.09 25.09
C LEU A 453 12.96 -6.73 24.06
N ILE A 454 13.05 -6.12 22.87
CA ILE A 454 14.00 -6.56 21.85
C ILE A 454 15.42 -6.59 22.41
N ASP A 455 15.81 -5.54 23.14
CA ASP A 455 17.13 -5.43 23.76
C ASP A 455 17.39 -6.49 24.84
N ILE A 456 16.34 -6.84 25.58
CA ILE A 456 16.39 -7.91 26.57
C ILE A 456 16.65 -9.27 25.90
N ILE A 457 15.88 -9.57 24.86
CA ILE A 457 16.02 -10.82 24.11
C ILE A 457 17.29 -10.83 23.27
N LEU A 458 17.50 -9.78 22.49
CA LEU A 458 18.65 -9.69 21.58
C LEU A 458 19.58 -8.55 21.99
N SER A 459 20.65 -8.90 22.71
CA SER A 459 21.62 -7.90 23.15
C SER A 459 22.29 -7.23 21.95
N THR A 460 22.50 -5.93 22.06
CA THR A 460 23.12 -5.16 20.98
C THR A 460 24.61 -5.49 20.81
N GLU A 461 25.22 -6.03 21.87
CA GLU A 461 26.65 -6.34 21.88
C GLU A 461 26.98 -7.72 21.27
N GLU A 462 26.03 -8.66 21.33
CA GLU A 462 26.24 -9.99 20.75
C GLU A 462 25.57 -10.11 19.38
N HIS A 463 24.33 -9.62 19.28
CA HIS A 463 23.53 -9.77 18.06
C HIS A 463 23.10 -8.44 17.48
N GLY A 464 24.09 -7.61 17.15
CA GLY A 464 23.83 -6.28 16.61
C GLY A 464 22.96 -6.33 15.37
N GLU A 465 23.33 -7.18 14.40
CA GLU A 465 22.62 -7.25 13.14
C GLU A 465 21.15 -7.62 13.32
N LEU A 466 20.88 -8.70 14.05
CA LEU A 466 19.50 -9.14 14.29
C LEU A 466 18.68 -8.14 15.08
N ASN A 467 19.26 -7.59 16.14
CA ASN A 467 18.58 -6.60 16.96
C ASN A 467 18.11 -5.44 16.07
N GLN A 468 19.00 -4.97 15.20
CA GLN A 468 18.68 -3.88 14.30
C GLN A 468 17.57 -4.24 13.32
N GLN A 469 17.63 -5.45 12.76
CA GLN A 469 16.57 -5.96 11.87
C GLN A 469 15.21 -6.17 12.55
N PHE A 470 15.23 -6.62 13.80
CA PHE A 470 14.01 -6.85 14.57
C PHE A 470 13.36 -5.52 14.87
N LEU A 471 14.22 -4.55 15.18
CA LEU A 471 13.81 -3.18 15.43
C LEU A 471 13.24 -2.55 14.15
N ALA A 472 13.96 -2.67 13.04
CA ALA A 472 13.55 -2.10 11.76
C ALA A 472 12.22 -2.65 11.27
N ALA A 473 11.99 -3.95 11.49
CA ALA A 473 10.79 -4.63 11.02
C ALA A 473 9.50 -4.06 11.65
N THR A 474 9.61 -3.43 12.81
CA THR A 474 8.45 -2.84 13.48
C THR A 474 7.87 -1.60 12.81
N ASN A 475 8.63 -0.96 11.91
CA ASN A 475 8.11 0.25 11.26
C ASN A 475 7.66 0.07 9.80
N GLN A 476 7.54 -1.19 9.38
CA GLN A 476 7.01 -1.52 8.05
C GLN A 476 6.07 -2.72 8.10
N LYS A 477 5.13 -2.76 7.16
CA LYS A 477 4.18 -3.87 7.02
C LYS A 477 4.82 -5.12 6.43
N HIS A 478 5.85 -4.95 5.60
CA HIS A 478 6.54 -6.05 4.93
C HIS A 478 8.04 -6.00 5.16
N SER A 479 8.71 -7.11 4.86
CA SER A 479 10.14 -7.22 5.08
C SER A 479 10.82 -7.92 3.91
N THR A 480 12.02 -7.46 3.56
CA THR A 480 12.83 -8.13 2.55
C THR A 480 13.75 -9.15 3.23
N VAL A 481 13.82 -9.05 4.56
CA VAL A 481 14.63 -9.96 5.35
C VAL A 481 13.78 -11.17 5.71
N LYS A 482 14.28 -12.35 5.37
CA LYS A 482 13.61 -13.59 5.69
C LYS A 482 14.58 -14.50 6.44
N LEU A 483 14.18 -14.87 7.65
CA LEU A 483 15.07 -15.57 8.57
C LEU A 483 14.84 -17.07 8.52
N ILE A 484 14.94 -17.63 7.32
CA ILE A 484 14.62 -19.05 7.09
C ILE A 484 15.80 -19.88 6.54
N ASP A 485 16.87 -19.20 6.14
CA ASP A 485 18.13 -19.87 5.81
C ASP A 485 18.69 -20.57 7.05
N ASP A 486 19.59 -21.52 6.85
CA ASP A 486 20.19 -22.30 7.94
C ASP A 486 20.86 -21.45 9.01
N ALA A 487 21.60 -20.42 8.60
CA ALA A 487 22.31 -19.57 9.56
C ALA A 487 21.33 -18.84 10.47
N SER A 488 20.24 -18.34 9.89
CA SER A 488 19.22 -17.63 10.66
C SER A 488 18.54 -18.54 11.67
N VAL A 489 18.15 -19.73 11.22
CA VAL A 489 17.47 -20.70 12.08
C VAL A 489 18.36 -21.10 13.25
N SER A 490 19.64 -21.31 12.96
CA SER A 490 20.62 -21.68 13.96
C SER A 490 20.82 -20.56 14.97
N ARG A 491 20.99 -19.34 14.47
CA ARG A 491 21.17 -18.17 15.33
C ARG A 491 19.96 -17.87 16.21
N LEU A 492 18.75 -17.96 15.64
CA LEU A 492 17.53 -17.70 16.41
C LEU A 492 17.31 -18.72 17.52
N ALA A 493 17.61 -19.99 17.24
CA ALA A 493 17.51 -21.06 18.23
C ALA A 493 18.33 -20.71 19.47
N THR A 494 19.47 -20.08 19.23
CA THR A 494 20.43 -19.65 20.24
C THR A 494 19.93 -18.48 21.10
N ILE A 495 18.97 -17.74 20.56
CA ILE A 495 18.45 -16.54 21.22
C ILE A 495 17.16 -16.81 21.99
N PHE A 496 16.22 -17.50 21.36
CA PHE A 496 14.90 -17.71 21.94
C PHE A 496 14.79 -18.98 22.78
N ASP A 497 15.28 -20.10 22.26
CA ASP A 497 15.19 -21.38 22.99
C ASP A 497 15.65 -21.32 24.46
N PRO A 498 16.77 -20.63 24.77
CA PRO A 498 17.22 -20.59 26.17
C PRO A 498 16.29 -19.84 27.13
N LEU A 499 15.35 -19.05 26.59
CA LEU A 499 14.34 -18.36 27.41
C LEU A 499 13.08 -19.24 27.64
N LEU A 500 13.08 -20.45 27.07
CA LEU A 500 11.92 -21.33 27.10
C LEU A 500 12.23 -22.74 27.63
N PRO A 501 12.68 -22.85 28.90
CA PRO A 501 12.89 -24.18 29.49
C PRO A 501 11.59 -24.98 29.49
N GLU A 502 11.67 -26.24 29.05
CA GLU A 502 10.50 -27.12 28.87
C GLU A 502 9.39 -26.50 28.01
N GLY A 503 9.76 -25.54 27.15
CA GLY A 503 8.80 -24.88 26.28
C GLY A 503 8.02 -23.75 26.93
N LYS A 504 8.26 -23.52 28.23
CA LYS A 504 7.58 -22.46 28.96
C LYS A 504 8.51 -21.29 29.22
N LEU A 505 7.93 -20.09 29.23
CA LEU A 505 8.64 -18.87 29.56
C LEU A 505 9.42 -19.03 30.87
N SER A 506 10.70 -18.70 30.86
CA SER A 506 11.48 -18.74 32.08
C SER A 506 10.93 -17.67 33.05
N PRO A 507 10.83 -18.00 34.35
CA PRO A 507 10.34 -17.04 35.35
C PRO A 507 11.13 -15.72 35.34
N ALA A 508 12.46 -15.82 35.27
CA ALA A 508 13.35 -14.66 35.11
C ALA A 508 12.99 -13.77 33.91
N HIS A 509 12.77 -14.38 32.75
CA HIS A 509 12.40 -13.63 31.56
C HIS A 509 11.05 -12.96 31.74
N TYR A 510 10.11 -13.67 32.35
CA TYR A 510 8.79 -13.14 32.62
C TYR A 510 8.85 -11.88 33.48
N GLN A 511 9.75 -11.87 34.47
CA GLN A 511 9.95 -10.70 35.33
C GLN A 511 10.55 -9.51 34.57
N HIS A 512 11.48 -9.79 33.65
CA HIS A 512 12.05 -8.76 32.78
C HIS A 512 10.97 -8.11 31.93
N ILE A 513 10.05 -8.91 31.38
CA ILE A 513 8.89 -8.40 30.67
C ILE A 513 8.07 -7.50 31.58
N LEU A 514 7.81 -7.96 32.79
CA LEU A 514 7.01 -7.19 33.74
C LEU A 514 7.62 -5.82 34.04
N SER A 515 8.92 -5.79 34.31
CA SER A 515 9.66 -4.54 34.55
C SER A 515 9.64 -3.58 33.35
N ALA A 516 9.84 -4.12 32.16
CA ALA A 516 9.88 -3.32 30.92
C ALA A 516 8.53 -2.65 30.67
N TYR A 517 7.45 -3.36 30.99
CA TYR A 517 6.11 -2.86 30.79
C TYR A 517 5.44 -2.35 32.08
N HIS A 518 6.26 -2.16 33.13
CA HIS A 518 5.79 -1.67 34.44
C HIS A 518 4.50 -2.36 34.92
N LEU A 519 4.50 -3.68 34.88
CA LEU A 519 3.34 -4.46 35.32
C LEU A 519 3.66 -5.28 36.56
N THR A 520 4.79 -4.96 37.20
CA THR A 520 5.26 -5.71 38.37
C THR A 520 4.27 -5.66 39.52
N ASP A 521 3.50 -4.57 39.60
CA ASP A 521 2.45 -4.39 40.61
C ASP A 521 1.04 -4.60 40.04
N ALA A 522 0.93 -4.87 38.74
CA ALA A 522 -0.38 -4.97 38.06
C ALA A 522 -1.16 -6.24 38.36
N THR A 523 -2.43 -6.24 37.96
CA THR A 523 -3.34 -7.39 38.13
C THR A 523 -2.97 -8.54 37.19
N PRO A 524 -3.21 -9.81 37.62
CA PRO A 524 -3.03 -10.97 36.73
C PRO A 524 -3.66 -10.83 35.35
N GLN A 525 -4.77 -10.09 35.29
CA GLN A 525 -5.46 -9.86 34.02
C GLN A 525 -4.70 -8.94 33.07
N LYS A 526 -4.32 -7.75 33.54
CA LYS A 526 -3.55 -6.81 32.71
C LYS A 526 -2.21 -7.42 32.26
N GLN A 527 -1.64 -8.25 33.13
CA GLN A 527 -0.44 -9.02 32.79
C GLN A 527 -0.71 -10.00 31.64
N ALA A 528 -1.78 -10.80 31.78
CA ALA A 528 -2.17 -11.75 30.74
C ALA A 528 -2.47 -11.07 29.40
N GLU A 529 -3.25 -10.00 29.42
CA GLU A 529 -3.61 -9.28 28.19
C GLU A 529 -2.39 -8.74 27.47
N THR A 530 -1.44 -8.21 28.23
CA THR A 530 -0.17 -7.73 27.69
C THR A 530 0.61 -8.88 27.04
N LEU A 531 0.65 -10.02 27.74
CA LEU A 531 1.34 -11.20 27.21
C LEU A 531 0.67 -11.74 25.94
N PHE A 532 -0.66 -11.65 25.89
CA PHE A 532 -1.42 -12.06 24.71
C PHE A 532 -1.01 -11.22 23.49
N CYS A 533 -1.03 -9.90 23.66
CA CYS A 533 -0.66 -8.98 22.60
C CYS A 533 0.78 -9.16 22.14
N LEU A 534 1.71 -9.35 23.08
CA LEU A 534 3.10 -9.64 22.73
C LEU A 534 3.20 -10.92 21.91
N SER A 535 2.44 -11.94 22.31
CA SER A 535 2.33 -13.19 21.55
C SER A 535 1.87 -12.97 20.11
N THR A 536 0.90 -12.08 19.91
CA THR A 536 0.42 -11.70 18.59
C THR A 536 1.52 -11.01 17.80
N ALA A 537 2.28 -10.13 18.47
CA ALA A 537 3.41 -9.42 17.85
C ALA A 537 4.45 -10.41 17.32
N PHE A 538 4.86 -11.37 18.16
CA PHE A 538 5.86 -12.35 17.73
C PHE A 538 5.33 -13.36 16.73
N ALA A 539 4.01 -13.58 16.73
CA ALA A 539 3.38 -14.38 15.70
C ALA A 539 3.50 -13.66 14.34
N ARG A 540 3.44 -12.34 14.37
CA ARG A 540 3.55 -11.53 13.16
C ARG A 540 4.98 -11.55 12.63
N TYR A 541 5.96 -11.38 13.51
CA TYR A 541 7.37 -11.54 13.17
C TYR A 541 7.58 -12.84 12.39
N SER A 542 6.89 -13.90 12.82
CA SER A 542 7.09 -15.23 12.24
C SER A 542 6.28 -15.46 10.96
N SER A 543 5.38 -14.54 10.64
CA SER A 543 4.49 -14.67 9.47
C SER A 543 5.17 -14.37 8.13
N SER A 544 4.44 -14.64 7.06
CA SER A 544 4.94 -14.46 5.69
C SER A 544 5.22 -12.99 5.33
N ALA A 545 4.61 -12.08 6.08
CA ALA A 545 4.78 -10.64 5.86
C ALA A 545 6.13 -10.14 6.38
N ILE A 546 6.57 -10.66 7.51
CA ILE A 546 7.83 -10.21 8.13
C ILE A 546 9.02 -11.14 7.86
N PHE A 547 9.39 -11.99 8.83
CA PHE A 547 10.61 -12.81 8.70
C PHE A 547 10.36 -14.18 8.10
N GLY A 548 9.09 -14.54 7.96
CA GLY A 548 8.75 -15.83 7.38
C GLY A 548 8.38 -15.68 5.92
N THR A 549 8.32 -16.81 5.23
CA THR A 549 7.74 -16.85 3.89
C THR A 549 6.38 -17.51 4.01
N GLU A 550 5.74 -17.76 2.87
CA GLU A 550 4.43 -18.39 2.87
C GLU A 550 4.51 -19.86 3.29
N HIS A 551 5.64 -20.50 3.01
CA HIS A 551 5.79 -21.94 3.29
C HIS A 551 6.79 -22.26 4.41
N ASP A 552 7.38 -21.22 5.03
CA ASP A 552 8.39 -21.40 6.08
C ASP A 552 8.33 -20.29 7.12
N SER A 553 8.17 -20.69 8.38
CA SER A 553 8.01 -19.77 9.49
C SER A 553 8.98 -20.17 10.61
N PRO A 554 10.01 -19.33 10.87
CA PRO A 554 11.08 -19.60 11.83
C PRO A 554 10.55 -20.24 13.12
N PRO A 555 10.91 -21.51 13.38
CA PRO A 555 10.36 -22.23 14.54
C PRO A 555 10.62 -21.58 15.91
N ALA A 556 11.75 -20.87 16.05
CA ALA A 556 12.11 -20.26 17.33
C ALA A 556 11.16 -19.12 17.69
N LEU A 557 10.77 -18.35 16.67
CA LEU A 557 9.80 -17.29 16.83
C LEU A 557 8.40 -17.80 17.17
N ARG A 558 8.04 -18.95 16.57
CA ARG A 558 6.74 -19.57 16.82
C ARG A 558 6.64 -20.17 18.22
N GLY A 559 7.75 -20.75 18.68
CA GLY A 559 7.81 -21.33 20.03
C GLY A 559 7.70 -20.25 21.09
N TYR A 560 8.35 -19.12 20.84
CA TYR A 560 8.37 -18.02 21.77
C TYR A 560 7.00 -17.35 21.84
N ALA A 561 6.35 -17.16 20.69
CA ALA A 561 4.98 -16.64 20.65
C ALA A 561 3.98 -17.55 21.37
N GLU A 562 4.18 -18.85 21.22
CA GLU A 562 3.32 -19.85 21.87
C GLU A 562 3.44 -19.80 23.41
N ALA A 563 4.67 -19.69 23.91
CA ALA A 563 4.93 -19.67 25.34
C ALA A 563 4.40 -18.40 25.99
N LEU A 564 4.48 -17.29 25.27
CA LEU A 564 3.89 -16.03 25.72
C LEU A 564 2.39 -16.23 25.95
N MET A 565 1.74 -16.91 25.02
CA MET A 565 0.31 -17.20 25.09
C MET A 565 -0.02 -18.19 26.21
N GLN A 566 0.87 -19.14 26.45
CA GLN A 566 0.72 -20.12 27.54
C GLN A 566 0.75 -19.46 28.91
N LYS A 567 1.70 -18.56 29.11
CA LYS A 567 1.84 -17.86 30.38
C LYS A 567 0.62 -16.96 30.64
N ALA A 568 0.13 -16.30 29.61
CA ALA A 568 -1.11 -15.52 29.69
C ALA A 568 -2.25 -16.42 30.15
N TRP A 569 -2.38 -17.58 29.54
CA TRP A 569 -3.38 -18.56 29.90
C TRP A 569 -3.26 -18.98 31.36
N GLU A 570 -2.03 -19.18 31.83
CA GLU A 570 -1.74 -19.49 33.22
C GLU A 570 -2.18 -18.35 34.15
N LEU A 571 -1.86 -17.12 33.76
CA LEU A 571 -2.13 -15.94 34.59
C LEU A 571 -3.63 -15.63 34.71
N SER A 572 -4.35 -15.66 33.58
CA SER A 572 -5.76 -15.27 33.56
C SER A 572 -6.50 -15.91 32.37
N PRO A 573 -6.95 -17.18 32.53
CA PRO A 573 -7.60 -17.93 31.44
C PRO A 573 -8.88 -17.29 30.91
N ALA A 574 -9.55 -16.51 31.76
CA ALA A 574 -10.81 -15.84 31.41
C ALA A 574 -10.69 -14.81 30.28
N ILE A 575 -9.46 -14.32 30.06
CA ILE A 575 -9.14 -13.40 28.97
C ILE A 575 -9.32 -14.05 27.59
N PHE A 576 -9.18 -15.38 27.57
CA PHE A 576 -9.37 -16.16 26.35
C PHE A 576 -10.86 -16.41 26.11
N PRO A 577 -11.25 -16.68 24.85
CA PRO A 577 -12.66 -16.98 24.58
C PRO A 577 -13.05 -18.40 24.96
N SER A 578 -12.14 -19.37 24.78
CA SER A 578 -12.45 -20.76 25.09
C SER A 578 -11.22 -21.61 25.47
N SER A 579 -11.53 -22.85 25.89
CA SER A 579 -10.53 -23.83 26.26
C SER A 579 -9.78 -24.35 25.03
N GLU A 580 -10.52 -24.76 24.00
CA GLU A 580 -9.91 -25.31 22.79
C GLU A 580 -9.54 -24.27 21.73
N GLN A 581 -10.00 -23.02 21.94
CA GLN A 581 -9.49 -21.92 21.12
C GLN A 581 -8.01 -21.70 21.44
N PHE A 582 -7.68 -21.73 22.72
CA PHE A 582 -6.29 -21.74 23.17
C PHE A 582 -5.55 -22.92 22.53
N THR A 583 -6.18 -24.09 22.52
CA THR A 583 -5.59 -25.31 21.97
C THR A 583 -5.34 -25.22 20.46
N GLU A 584 -6.32 -24.72 19.71
CA GLU A 584 -6.23 -24.63 18.25
C GLU A 584 -5.11 -23.69 17.76
N TRP A 585 -4.94 -22.57 18.44
CA TRP A 585 -3.85 -21.63 18.15
C TRP A 585 -2.50 -22.24 18.49
N SER A 586 -2.42 -22.88 19.65
CA SER A 586 -1.23 -23.59 20.10
C SER A 586 -0.78 -24.61 19.07
N ASP A 587 -1.73 -25.37 18.52
CA ASP A 587 -1.47 -26.38 17.50
C ASP A 587 -0.88 -25.79 16.22
N ARG A 588 -1.38 -24.63 15.81
CA ARG A 588 -0.90 -23.99 14.58
C ARG A 588 0.41 -23.24 14.75
N PHE A 589 0.73 -22.88 16.00
CA PHE A 589 2.06 -22.40 16.34
C PHE A 589 3.07 -23.53 16.18
N HIS A 590 2.68 -24.73 16.62
CA HIS A 590 3.54 -25.91 16.59
C HIS A 590 3.63 -26.55 15.20
N GLY A 591 4.82 -27.05 14.89
CA GLY A 591 5.04 -27.79 13.66
C GLY A 591 5.09 -29.27 13.94
N LEU A 592 3.93 -29.91 13.96
CA LEU A 592 3.83 -31.36 14.15
C LEU A 592 4.34 -32.11 12.92
N HIS A 593 4.94 -31.35 11.99
CA HIS A 593 5.43 -31.86 10.70
C HIS A 593 4.28 -32.14 9.73
N GLY A 594 3.05 -31.87 10.19
CA GLY A 594 1.84 -32.00 9.39
C GLY A 594 1.32 -30.66 8.93
N ALA A 595 1.93 -29.59 9.43
CA ALA A 595 1.60 -28.23 8.99
C ALA A 595 2.63 -27.75 7.96
N PHE A 596 2.32 -27.97 6.68
CA PHE A 596 3.23 -27.64 5.59
C PHE A 596 3.28 -26.14 5.37
N THR A 597 2.11 -25.52 5.29
CA THR A 597 2.01 -24.15 4.81
C THR A 597 0.95 -23.31 5.49
N CYS A 598 1.42 -22.18 6.05
CA CYS A 598 0.65 -20.91 5.97
C CYS A 598 0.90 -19.88 7.06
N THR A 599 0.34 -20.16 8.22
CA THR A 599 -0.31 -19.11 8.99
C THR A 599 0.40 -17.80 9.32
N SER A 600 0.09 -16.79 8.48
CA SER A 600 -0.21 -15.46 9.13
C SER A 600 -1.66 -15.53 9.70
N VAL A 601 -2.24 -16.73 9.77
CA VAL A 601 -3.62 -16.93 10.22
C VAL A 601 -3.76 -16.87 11.75
N VAL A 602 -2.78 -17.44 12.46
CA VAL A 602 -2.77 -17.39 13.91
C VAL A 602 -2.69 -15.94 14.38
N ALA A 603 -1.82 -15.15 13.75
CA ALA A 603 -1.67 -13.73 14.07
C ALA A 603 -2.95 -12.93 13.79
N ASP A 604 -3.59 -13.19 12.65
CA ASP A 604 -4.85 -12.52 12.29
C ASP A 604 -5.95 -12.81 13.32
N SER A 605 -6.18 -14.10 13.57
CA SER A 605 -7.21 -14.56 14.50
C SER A 605 -7.01 -14.01 15.92
N MET A 606 -5.79 -14.09 16.42
CA MET A 606 -5.45 -13.59 17.75
C MET A 606 -5.62 -12.08 17.86
N GLN A 607 -5.17 -11.36 16.84
CA GLN A 607 -5.28 -9.90 16.80
C GLN A 607 -6.75 -9.44 16.78
N ARG A 608 -7.59 -10.14 16.02
CA ARG A 608 -9.03 -9.87 15.98
C ARG A 608 -9.65 -10.00 17.36
N HIS A 609 -9.23 -11.01 18.12
CA HIS A 609 -9.72 -11.22 19.47
C HIS A 609 -9.26 -10.11 20.43
N ALA A 610 -8.04 -9.63 20.23
CA ALA A 610 -7.46 -8.57 21.05
C ALA A 610 -8.18 -7.23 20.86
N ARG A 611 -8.44 -6.86 19.61
CA ARG A 611 -9.19 -5.63 19.29
C ARG A 611 -10.60 -5.65 19.88
N LYS A 612 -11.19 -6.83 20.00
CA LYS A 612 -12.54 -7.00 20.50
C LYS A 612 -12.64 -6.79 22.02
N TYR A 613 -11.77 -7.45 22.77
CA TYR A 613 -11.88 -7.48 24.23
C TYR A 613 -10.95 -6.54 24.99
N PHE A 614 -9.76 -6.33 24.45
CA PHE A 614 -8.77 -5.44 25.08
C PHE A 614 -8.01 -4.61 24.03
N PRO A 615 -8.76 -3.78 23.26
CA PRO A 615 -8.17 -3.01 22.17
C PRO A 615 -7.27 -1.89 22.69
N SER A 616 -7.45 -1.56 23.97
CA SER A 616 -6.63 -0.56 24.65
C SER A 616 -5.23 -1.11 24.95
N VAL A 617 -5.17 -2.37 25.40
CA VAL A 617 -3.91 -3.04 25.66
C VAL A 617 -3.17 -3.28 24.36
N LEU A 618 -3.90 -3.78 23.35
CA LEU A 618 -3.32 -4.07 22.03
C LEU A 618 -2.66 -2.85 21.38
N SER A 619 -3.36 -1.72 21.38
CA SER A 619 -2.84 -0.49 20.79
C SER A 619 -1.62 0.04 21.55
N SER A 620 -1.54 -0.26 22.85
CA SER A 620 -0.42 0.17 23.67
C SER A 620 0.77 -0.78 23.61
N ILE A 621 0.59 -1.95 23.00
CA ILE A 621 1.67 -2.95 22.90
C ILE A 621 2.19 -3.17 21.47
N LEU A 622 1.27 -3.37 20.52
CA LEU A 622 1.64 -3.60 19.11
C LEU A 622 2.29 -2.38 18.47
N PRO A 623 3.33 -2.61 17.65
CA PRO A 623 3.87 -1.52 16.83
C PRO A 623 2.77 -1.04 15.89
N LEU A 624 2.68 0.27 15.70
CA LEU A 624 1.56 0.89 14.98
C LEU A 624 1.41 0.37 13.55
N ALA A 625 2.52 0.28 12.83
CA ALA A 625 2.55 -0.23 11.45
C ALA A 625 1.92 -1.62 11.28
N TRP A 626 1.82 -2.38 12.37
CA TRP A 626 1.24 -3.72 12.32
C TRP A 626 -0.24 -3.75 12.71
N ALA A 627 -0.74 -2.62 13.22
CA ALA A 627 -2.14 -2.51 13.66
C ALA A 627 -3.12 -2.69 12.51
#